data_4XA1
#
_entry.id   4XA1
#
_cell.length_a   56.260
_cell.length_b   59.321
_cell.length_c   67.721
_cell.angle_alpha   96.05
_cell.angle_beta   110.01
_cell.angle_gamma   92.89
#
_symmetry.space_group_name_H-M   'P 1'
#
loop_
_entity.id
_entity.type
_entity.pdbx_description
1 polymer 'Gp7-MYH7(1173-1238)-EB1 chimera protein'
2 water water
#
_entity_poly.entity_id   1
_entity_poly.type   'polypeptide(L)'
_entity_poly.pdbx_seq_one_letter_code
;GASMPLKPEEHEDILNKLLDPELAQSERTEALQQLRVNYGSFVSEYNDLTKSKMRRDLEEATLQHEATAAALRKKHADSV
AELGEQIDNLQRVKQKLEKEKSEFKLELDDVTSNMEQIEKERDFYFGKLRNIELICQENEGENDPVLQRIVDILYATDE
;
_entity_poly.pdbx_strand_id   A,B,C,D
#
# COMPACT_ATOMS: atom_id res chain seq x y z
N PRO A 5 50.12 -21.43 -35.19
CA PRO A 5 49.40 -21.86 -36.40
C PRO A 5 49.52 -20.86 -37.55
N LEU A 6 48.39 -20.40 -38.09
CA LEU A 6 48.35 -19.42 -39.17
C LEU A 6 47.81 -18.08 -38.68
N LYS A 7 48.65 -17.04 -38.65
CA LYS A 7 48.19 -15.67 -38.40
C LYS A 7 46.89 -15.41 -39.15
N PRO A 8 46.03 -14.53 -38.62
CA PRO A 8 44.77 -14.22 -39.31
C PRO A 8 44.93 -13.95 -40.82
N GLU A 9 46.17 -13.69 -41.26
CA GLU A 9 46.41 -13.47 -42.68
C GLU A 9 47.65 -14.11 -43.28
N GLU A 10 48.16 -15.19 -42.71
CA GLU A 10 48.89 -16.10 -43.57
C GLU A 10 47.82 -17.09 -44.02
N HIS A 11 46.69 -17.05 -43.30
CA HIS A 11 45.44 -17.66 -43.73
C HIS A 11 44.95 -16.98 -45.00
N GLU A 12 44.69 -15.67 -44.90
CA GLU A 12 44.04 -14.93 -45.97
C GLU A 12 44.85 -14.84 -47.27
N ASP A 13 46.17 -14.95 -47.19
CA ASP A 13 47.00 -14.94 -48.41
C ASP A 13 46.92 -16.27 -49.14
N ILE A 14 46.16 -17.20 -48.57
CA ILE A 14 46.05 -18.52 -49.15
C ILE A 14 44.64 -18.75 -49.70
N LEU A 15 43.66 -18.04 -49.15
CA LEU A 15 42.31 -18.04 -49.70
C LEU A 15 42.30 -17.37 -51.07
N ASN A 16 43.40 -16.71 -51.41
CA ASN A 16 43.52 -16.02 -52.69
C ASN A 16 44.46 -16.78 -53.65
N LYS A 17 45.44 -17.49 -53.12
CA LYS A 17 46.17 -18.48 -53.92
C LYS A 17 45.18 -19.45 -54.55
N LEU A 18 44.26 -19.95 -53.72
CA LEU A 18 43.26 -20.93 -54.14
C LEU A 18 42.22 -20.35 -55.09
N LEU A 19 42.00 -19.03 -55.02
CA LEU A 19 41.01 -18.35 -55.87
C LEU A 19 41.27 -18.52 -57.38
N ASP A 20 42.54 -18.37 -57.78
CA ASP A 20 42.94 -18.57 -59.16
C ASP A 20 43.03 -20.05 -59.46
N PRO A 21 42.11 -20.55 -60.31
CA PRO A 21 41.99 -21.97 -60.65
C PRO A 21 43.15 -22.54 -61.50
N GLU A 22 44.05 -21.69 -61.97
CA GLU A 22 45.18 -22.17 -62.76
C GLU A 22 46.41 -22.44 -61.92
N LEU A 23 46.25 -22.44 -60.60
CA LEU A 23 47.32 -22.88 -59.71
C LEU A 23 47.55 -24.35 -60.06
N ALA A 24 48.80 -24.79 -60.01
CA ALA A 24 49.10 -26.21 -60.22
C ALA A 24 48.38 -26.99 -59.13
N GLN A 25 48.08 -28.23 -59.37
CA GLN A 25 47.42 -29.01 -58.37
C GLN A 25 48.40 -29.90 -57.66
N SER A 26 49.64 -29.45 -57.60
CA SER A 26 50.61 -29.95 -56.64
C SER A 26 51.00 -28.92 -55.59
N GLU A 27 50.49 -27.70 -55.76
CA GLU A 27 50.59 -26.69 -54.72
C GLU A 27 49.22 -26.08 -54.41
N ARG A 28 48.19 -26.59 -55.06
CA ARG A 28 46.83 -26.37 -54.59
C ARG A 28 46.55 -27.40 -53.49
N THR A 29 47.18 -28.56 -53.60
CA THR A 29 47.01 -29.64 -52.61
C THR A 29 47.88 -29.41 -51.38
N GLU A 30 48.84 -28.50 -51.47
CA GLU A 30 49.69 -28.16 -50.33
C GLU A 30 49.05 -27.06 -49.52
N ALA A 31 48.50 -26.08 -50.24
CA ALA A 31 47.84 -24.95 -49.62
C ALA A 31 46.54 -25.37 -48.94
N LEU A 32 46.07 -26.56 -49.25
CA LEU A 32 44.87 -27.11 -48.62
C LEU A 32 45.28 -28.10 -47.53
N GLN A 33 46.42 -28.76 -47.75
CA GLN A 33 47.00 -29.64 -46.75
C GLN A 33 47.39 -28.87 -45.51
N GLN A 34 47.73 -27.59 -45.67
CA GLN A 34 48.09 -26.78 -44.52
C GLN A 34 46.84 -26.22 -43.82
N LEU A 35 45.84 -25.77 -44.61
CA LEU A 35 44.56 -25.34 -44.06
C LEU A 35 43.88 -26.41 -43.23
N ARG A 36 44.19 -27.68 -43.53
CA ARG A 36 43.49 -28.83 -42.95
C ARG A 36 44.08 -29.24 -41.59
N VAL A 37 45.38 -29.09 -41.41
CA VAL A 37 46.03 -29.40 -40.15
C VAL A 37 45.87 -28.25 -39.16
N ASN A 38 45.87 -27.04 -39.71
CA ASN A 38 45.50 -25.83 -38.97
C ASN A 38 44.18 -26.01 -38.25
N TYR A 39 43.17 -26.43 -38.99
CA TYR A 39 41.85 -26.61 -38.43
C TYR A 39 41.87 -27.76 -37.42
N GLY A 40 42.69 -28.78 -37.70
CA GLY A 40 42.83 -29.92 -36.81
C GLY A 40 43.23 -29.42 -35.45
N SER A 41 44.32 -28.67 -35.41
CA SER A 41 44.76 -27.97 -34.22
C SER A 41 43.69 -27.04 -33.61
N PHE A 42 43.01 -26.27 -34.44
CA PHE A 42 41.99 -25.38 -33.92
C PHE A 42 40.85 -26.11 -33.21
N VAL A 43 40.35 -27.19 -33.80
CA VAL A 43 39.14 -27.77 -33.22
C VAL A 43 39.48 -28.46 -31.91
N SER A 44 40.67 -29.06 -31.83
CA SER A 44 41.06 -29.72 -30.60
C SER A 44 41.38 -28.70 -29.49
N GLU A 45 41.52 -27.44 -29.86
CA GLU A 45 41.72 -26.38 -28.89
C GLU A 45 40.40 -25.71 -28.54
N TYR A 46 39.49 -25.70 -29.48
CA TYR A 46 38.16 -25.18 -29.23
C TYR A 46 37.39 -26.20 -28.35
N ASN A 47 37.79 -27.45 -28.43
CA ASN A 47 37.12 -28.56 -27.80
C ASN A 47 37.65 -28.90 -26.42
N ASP A 48 38.77 -28.32 -26.08
CA ASP A 48 39.37 -28.37 -24.76
C ASP A 48 38.28 -28.27 -23.66
N LEU A 49 38.31 -29.20 -22.70
CA LEU A 49 37.29 -29.24 -21.68
C LEU A 49 37.13 -27.98 -20.86
N THR A 50 38.25 -27.36 -20.47
CA THR A 50 38.18 -26.13 -19.66
C THR A 50 37.60 -25.00 -20.47
N LYS A 51 38.03 -24.89 -21.72
CA LYS A 51 37.59 -23.81 -22.62
C LYS A 51 36.13 -23.95 -23.07
N SER A 52 35.69 -25.18 -23.26
CA SER A 52 34.31 -25.45 -23.57
C SER A 52 33.37 -25.21 -22.44
N LYS A 53 33.77 -25.49 -21.21
CA LYS A 53 32.90 -25.29 -20.07
C LYS A 53 32.86 -23.85 -19.85
N MET A 54 33.95 -23.21 -20.11
CA MET A 54 33.95 -21.75 -19.99
C MET A 54 33.09 -21.06 -21.03
N ARG A 55 33.03 -21.64 -22.21
CA ARG A 55 32.16 -21.17 -23.25
C ARG A 55 30.72 -21.35 -22.82
N ARG A 56 30.39 -22.55 -22.35
CA ARG A 56 29.01 -22.82 -21.94
C ARG A 56 28.67 -21.92 -20.76
N ASP A 57 29.49 -21.98 -19.71
CA ASP A 57 29.36 -21.13 -18.52
C ASP A 57 29.00 -19.66 -18.82
N LEU A 58 29.69 -19.08 -19.81
CA LEU A 58 29.46 -17.68 -20.15
C LEU A 58 28.07 -17.51 -20.75
N GLU A 59 27.76 -18.40 -21.70
CA GLU A 59 26.46 -18.44 -22.33
C GLU A 59 25.34 -18.56 -21.32
N GLU A 60 25.46 -19.53 -20.43
CA GLU A 60 24.42 -19.75 -19.44
C GLU A 60 24.32 -18.61 -18.43
N ALA A 61 25.39 -17.81 -18.32
CA ALA A 61 25.40 -16.75 -17.34
C ALA A 61 24.61 -15.57 -17.86
N THR A 62 24.74 -15.34 -19.16
CA THR A 62 24.05 -14.23 -19.77
C THR A 62 22.57 -14.54 -19.81
N LEU A 63 22.24 -15.78 -20.16
CA LEU A 63 20.84 -16.23 -20.14
C LEU A 63 20.20 -15.99 -18.78
N GLN A 64 20.74 -16.61 -17.74
CA GLN A 64 20.18 -16.44 -16.40
C GLN A 64 20.08 -14.95 -16.02
N HIS A 65 21.07 -14.15 -16.40
CA HIS A 65 21.03 -12.72 -16.10
C HIS A 65 19.84 -12.04 -16.82
N GLU A 66 19.67 -12.35 -18.10
CA GLU A 66 18.53 -11.85 -18.86
C GLU A 66 17.20 -12.32 -18.24
N ALA A 67 17.12 -13.57 -17.85
CA ALA A 67 15.90 -14.09 -17.26
C ALA A 67 15.60 -13.35 -16.00
N THR A 68 16.66 -13.02 -15.28
CA THR A 68 16.48 -12.44 -13.98
C THR A 68 16.13 -10.96 -14.09
N ALA A 69 16.72 -10.24 -15.04
CA ALA A 69 16.36 -8.83 -15.19
C ALA A 69 14.90 -8.73 -15.58
N ALA A 70 14.44 -9.72 -16.37
CA ALA A 70 13.08 -9.71 -16.88
C ALA A 70 12.14 -9.88 -15.71
N ALA A 71 12.37 -10.91 -14.90
CA ALA A 71 11.61 -11.11 -13.66
C ALA A 71 11.60 -9.87 -12.76
N LEU A 72 12.72 -9.14 -12.71
CA LEU A 72 12.82 -7.96 -11.85
C LEU A 72 11.99 -6.79 -12.41
N ARG A 73 12.10 -6.56 -13.71
CA ARG A 73 11.31 -5.54 -14.40
C ARG A 73 9.80 -5.81 -14.25
N LYS A 74 9.38 -7.06 -14.38
CA LYS A 74 7.97 -7.39 -14.26
C LYS A 74 7.49 -7.18 -12.85
N LYS A 75 8.22 -7.74 -11.89
CA LYS A 75 7.89 -7.57 -10.48
C LYS A 75 7.73 -6.08 -10.22
N HIS A 76 8.51 -5.29 -10.95
CA HIS A 76 8.44 -3.85 -10.78
C HIS A 76 7.22 -3.20 -11.47
N ALA A 77 6.87 -3.65 -12.67
CA ALA A 77 5.75 -3.03 -13.39
C ALA A 77 4.40 -3.45 -12.81
N ASP A 78 4.37 -4.57 -12.10
CA ASP A 78 3.19 -4.99 -11.38
C ASP A 78 3.01 -4.19 -10.09
N SER A 79 4.09 -4.06 -9.34
CA SER A 79 4.09 -3.26 -8.14
C SER A 79 3.59 -1.86 -8.43
N VAL A 80 4.27 -1.17 -9.35
CA VAL A 80 3.93 0.21 -9.69
C VAL A 80 2.48 0.42 -10.11
N ALA A 81 1.92 -0.57 -10.82
CA ALA A 81 0.51 -0.59 -11.18
C ALA A 81 -0.34 -0.72 -9.89
N GLU A 82 -0.17 -1.79 -9.14
CA GLU A 82 -0.85 -1.92 -7.85
C GLU A 82 -0.73 -0.67 -6.95
N LEU A 83 0.49 -0.15 -6.76
CA LEU A 83 0.68 1.06 -5.94
C LEU A 83 0.02 2.27 -6.62
N GLY A 84 0.00 2.23 -7.96
CA GLY A 84 -0.65 3.24 -8.74
C GLY A 84 -2.11 3.31 -8.38
N GLU A 85 -2.80 2.18 -8.41
CA GLU A 85 -4.23 2.14 -8.11
C GLU A 85 -4.52 2.57 -6.68
N GLN A 86 -3.68 2.18 -5.72
CA GLN A 86 -3.93 2.63 -4.36
C GLN A 86 -3.82 4.13 -4.27
N ILE A 87 -2.81 4.70 -4.94
CA ILE A 87 -2.57 6.14 -4.91
C ILE A 87 -3.75 6.93 -5.52
N ASP A 88 -4.26 6.47 -6.65
CA ASP A 88 -5.38 7.19 -7.27
C ASP A 88 -6.62 7.11 -6.38
N ASN A 89 -6.95 5.92 -5.89
CA ASN A 89 -8.09 5.76 -4.97
C ASN A 89 -8.03 6.71 -3.78
N LEU A 90 -6.86 6.78 -3.16
CA LEU A 90 -6.66 7.64 -2.00
C LEU A 90 -6.79 9.09 -2.38
N GLN A 91 -6.71 9.38 -3.66
CA GLN A 91 -6.89 10.75 -4.10
C GLN A 91 -8.36 11.06 -4.37
N ARG A 92 -9.09 10.04 -4.85
CA ARG A 92 -10.50 10.25 -5.14
C ARG A 92 -11.30 10.22 -3.86
N VAL A 93 -10.78 9.53 -2.86
CA VAL A 93 -11.33 9.55 -1.52
C VAL A 93 -10.96 10.84 -0.80
N LYS A 94 -9.75 11.33 -1.05
CA LYS A 94 -9.33 12.63 -0.52
C LYS A 94 -10.30 13.72 -0.98
N GLN A 95 -10.59 13.73 -2.28
CA GLN A 95 -11.49 14.72 -2.87
C GLN A 95 -12.93 14.60 -2.37
N LYS A 96 -13.31 13.40 -1.97
CA LYS A 96 -14.65 13.15 -1.52
C LYS A 96 -14.74 13.70 -0.09
N LEU A 97 -13.72 13.43 0.71
CA LEU A 97 -13.71 13.96 2.08
C LEU A 97 -13.60 15.47 2.07
N GLU A 98 -12.96 16.03 1.04
CA GLU A 98 -12.76 17.47 1.01
C GLU A 98 -14.09 18.16 0.79
N LYS A 99 -14.92 17.54 -0.05
CA LYS A 99 -16.21 18.08 -0.40
C LYS A 99 -17.08 18.02 0.83
N GLU A 100 -17.04 16.86 1.48
CA GLU A 100 -17.93 16.58 2.60
C GLU A 100 -17.61 17.42 3.83
N LYS A 101 -16.32 17.62 4.08
CA LYS A 101 -15.88 18.46 5.18
C LYS A 101 -16.43 19.88 5.06
N SER A 102 -16.28 20.48 3.87
CA SER A 102 -16.62 21.89 3.72
C SER A 102 -18.12 22.09 3.55
N GLU A 103 -18.84 21.11 3.01
CA GLU A 103 -20.27 21.30 2.89
C GLU A 103 -20.89 21.28 4.29
N PHE A 104 -20.38 20.42 5.16
CA PHE A 104 -20.80 20.48 6.55
C PHE A 104 -20.38 21.82 7.08
N LYS A 105 -19.25 22.33 6.61
CA LYS A 105 -18.73 23.57 7.17
C LYS A 105 -19.56 24.77 6.75
N LEU A 106 -19.94 24.79 5.48
CA LEU A 106 -20.72 25.89 4.93
C LEU A 106 -22.15 25.89 5.48
N GLU A 107 -22.67 24.73 5.84
CA GLU A 107 -24.00 24.69 6.42
C GLU A 107 -24.02 25.24 7.83
N LEU A 108 -22.93 25.04 8.58
CA LEU A 108 -22.92 25.57 9.94
C LEU A 108 -22.56 27.04 9.92
N ASP A 109 -21.97 27.53 8.83
CA ASP A 109 -21.76 28.98 8.70
C ASP A 109 -23.11 29.68 8.43
N ASP A 110 -23.94 29.10 7.56
CA ASP A 110 -25.25 29.65 7.23
C ASP A 110 -26.25 29.50 8.38
N VAL A 111 -26.18 28.38 9.08
CA VAL A 111 -27.15 28.08 10.11
C VAL A 111 -26.77 28.70 11.44
N THR A 112 -25.48 28.98 11.65
CA THR A 112 -25.06 29.72 12.82
C THR A 112 -25.52 31.17 12.76
N SER A 113 -25.31 31.83 11.62
CA SER A 113 -25.74 33.21 11.42
C SER A 113 -27.27 33.31 11.41
N ASN A 114 -27.91 32.23 10.95
CA ASN A 114 -29.36 32.15 10.85
C ASN A 114 -30.07 32.17 12.20
N MET A 115 -29.38 31.82 13.28
CA MET A 115 -30.07 31.77 14.56
C MET A 115 -29.63 32.87 15.53
N GLU A 116 -28.49 33.51 15.31
CA GLU A 116 -28.17 34.73 16.06
C GLU A 116 -29.22 35.77 15.69
N GLN A 117 -29.93 35.55 14.61
CA GLN A 117 -31.02 36.46 14.29
C GLN A 117 -32.19 35.99 15.08
N ILE A 118 -32.62 34.76 14.82
CA ILE A 118 -33.74 34.19 15.52
C ILE A 118 -33.68 34.42 17.00
N GLU A 119 -32.49 34.48 17.55
CA GLU A 119 -32.31 34.83 18.96
C GLU A 119 -32.59 36.25 19.21
N LYS A 120 -32.16 37.05 18.27
CA LYS A 120 -32.34 38.49 18.43
C LYS A 120 -33.85 38.71 18.50
N GLU A 121 -34.57 37.90 17.74
CA GLU A 121 -36.01 38.07 17.65
C GLU A 121 -36.62 37.59 18.95
N ARG A 122 -36.08 36.50 19.48
CA ARG A 122 -36.55 35.98 20.74
C ARG A 122 -36.37 36.98 21.89
N ASP A 123 -35.17 37.52 22.02
CA ASP A 123 -34.90 38.50 23.06
C ASP A 123 -35.76 39.73 22.86
N PHE A 124 -35.95 40.13 21.61
CA PHE A 124 -36.78 41.28 21.30
C PHE A 124 -38.16 41.06 21.88
N TYR A 125 -38.65 39.84 21.70
CA TYR A 125 -40.02 39.49 22.07
C TYR A 125 -40.10 39.37 23.59
N PHE A 126 -39.11 38.70 24.18
CA PHE A 126 -39.07 38.49 25.63
C PHE A 126 -39.05 39.84 26.33
N GLY A 127 -38.28 40.78 25.76
CA GLY A 127 -38.17 42.10 26.31
C GLY A 127 -39.55 42.75 26.36
N LYS A 128 -40.26 42.68 25.24
CA LYS A 128 -41.60 43.20 25.17
C LYS A 128 -42.46 42.60 26.29
N LEU A 129 -42.41 41.28 26.40
CA LEU A 129 -43.16 40.58 27.42
C LEU A 129 -42.79 41.08 28.81
N ARG A 130 -41.48 41.27 29.04
CA ARG A 130 -41.02 41.78 30.32
C ARG A 130 -41.54 43.22 30.57
N ASN A 131 -41.49 44.05 29.52
CA ASN A 131 -42.08 45.38 29.59
C ASN A 131 -43.52 45.30 30.09
N ILE A 132 -44.32 44.51 29.37
CA ILE A 132 -45.75 44.36 29.62
C ILE A 132 -46.01 43.76 30.99
N GLU A 133 -45.07 42.92 31.44
CA GLU A 133 -45.11 42.38 32.80
C GLU A 133 -45.02 43.47 33.87
N LEU A 134 -44.05 44.36 33.71
CA LEU A 134 -43.85 45.47 34.64
C LEU A 134 -45.06 46.40 34.73
N ILE A 135 -45.73 46.61 33.59
CA ILE A 135 -46.92 47.44 33.58
C ILE A 135 -48.06 46.77 34.34
N CYS A 136 -48.15 45.46 34.24
CA CYS A 136 -49.26 44.75 34.88
C CYS A 136 -49.10 44.75 36.39
N GLN A 137 -47.85 44.84 36.87
CA GLN A 137 -47.61 44.86 38.31
C GLN A 137 -47.82 46.27 38.91
N GLU A 138 -47.52 47.31 38.13
CA GLU A 138 -47.92 48.67 38.46
C GLU A 138 -49.46 48.77 38.73
N ASN A 139 -50.26 48.15 37.87
CA ASN A 139 -51.71 48.36 37.85
C ASN A 139 -52.54 47.20 38.41
N GLU A 140 -51.93 46.35 39.23
CA GLU A 140 -52.73 45.33 39.91
C GLU A 140 -53.10 45.85 41.29
N GLY A 141 -53.16 47.17 41.39
CA GLY A 141 -53.75 47.84 42.54
C GLY A 141 -55.23 48.12 42.28
N GLU A 142 -55.63 48.04 41.01
CA GLU A 142 -57.02 48.28 40.61
C GLU A 142 -57.71 46.99 40.20
N ASN A 143 -56.96 46.10 39.56
CA ASN A 143 -57.39 44.74 39.17
C ASN A 143 -58.42 44.67 38.05
N ASP A 144 -58.04 45.17 36.88
CA ASP A 144 -58.87 45.10 35.68
C ASP A 144 -59.07 43.63 35.29
N PRO A 145 -60.29 43.24 34.92
CA PRO A 145 -60.40 41.87 34.43
C PRO A 145 -59.69 41.69 33.10
N VAL A 146 -59.44 42.78 32.37
CA VAL A 146 -58.72 42.68 31.10
C VAL A 146 -57.24 42.38 31.40
N LEU A 147 -56.64 43.15 32.30
CA LEU A 147 -55.26 42.92 32.73
C LEU A 147 -55.03 41.47 33.14
N GLN A 148 -55.98 40.91 33.88
CA GLN A 148 -55.86 39.53 34.32
C GLN A 148 -55.71 38.56 33.15
N ARG A 149 -56.40 38.86 32.04
CA ARG A 149 -56.28 38.07 30.83
C ARG A 149 -54.86 38.13 30.27
N ILE A 150 -54.27 39.33 30.28
CA ILE A 150 -52.92 39.54 29.78
C ILE A 150 -51.90 38.83 30.68
N VAL A 151 -52.07 39.01 31.98
CA VAL A 151 -51.26 38.31 32.97
C VAL A 151 -51.39 36.81 32.80
N ASP A 152 -52.60 36.34 32.57
CA ASP A 152 -52.83 34.92 32.36
C ASP A 152 -52.07 34.40 31.17
N ILE A 153 -51.91 35.24 30.16
CA ILE A 153 -51.17 34.86 28.95
C ILE A 153 -49.68 34.86 29.22
N LEU A 154 -49.22 35.85 29.99
CA LEU A 154 -47.80 35.98 30.31
C LEU A 154 -47.30 34.70 31.00
N TYR A 155 -48.13 34.11 31.85
CA TYR A 155 -47.66 33.03 32.70
C TYR A 155 -48.14 31.65 32.28
N ALA A 156 -48.74 31.57 31.10
CA ALA A 156 -49.18 30.31 30.52
C ALA A 156 -48.02 29.33 30.29
N THR A 157 -48.33 28.04 30.08
CA THR A 157 -47.31 27.02 29.86
C THR A 157 -47.36 26.45 28.45
N PRO B 5 29.86 -22.77 -35.79
CA PRO B 5 31.24 -23.12 -36.14
C PRO B 5 31.31 -24.33 -37.07
N LEU B 6 32.17 -24.27 -38.08
CA LEU B 6 32.21 -25.34 -39.08
C LEU B 6 32.77 -26.58 -38.41
N LYS B 7 31.90 -27.57 -38.21
CA LYS B 7 32.31 -28.88 -37.73
C LYS B 7 33.38 -29.42 -38.69
N PRO B 8 34.38 -30.14 -38.15
CA PRO B 8 35.49 -30.68 -38.96
C PRO B 8 34.98 -31.36 -40.24
N GLU B 9 33.83 -32.01 -40.14
CA GLU B 9 33.09 -32.58 -41.27
C GLU B 9 32.90 -31.55 -42.38
N GLU B 10 32.14 -30.49 -42.06
CA GLU B 10 31.78 -29.45 -43.02
C GLU B 10 33.00 -28.72 -43.63
N HIS B 11 34.04 -28.50 -42.87
CA HIS B 11 35.27 -27.91 -43.38
C HIS B 11 35.89 -28.78 -44.44
N GLU B 12 36.01 -30.06 -44.18
CA GLU B 12 36.66 -30.97 -45.12
C GLU B 12 35.91 -31.08 -46.46
N ASP B 13 34.57 -31.01 -46.43
CA ASP B 13 33.80 -30.98 -47.67
C ASP B 13 34.12 -29.76 -48.52
N ILE B 14 34.50 -28.68 -47.85
CA ILE B 14 34.87 -27.44 -48.52
C ILE B 14 36.29 -27.52 -49.11
N LEU B 15 37.19 -28.22 -48.43
CA LEU B 15 38.54 -28.36 -48.92
C LEU B 15 38.65 -29.35 -50.09
N ASN B 16 37.69 -30.25 -50.22
CA ASN B 16 37.66 -31.20 -51.36
C ASN B 16 37.00 -30.56 -52.57
N LYS B 17 35.98 -29.74 -52.28
CA LYS B 17 35.36 -28.84 -53.24
C LYS B 17 36.39 -27.95 -53.94
N LEU B 18 37.25 -27.29 -53.16
CA LEU B 18 38.23 -26.36 -53.71
C LEU B 18 39.39 -27.08 -54.38
N LEU B 19 39.54 -28.37 -54.08
CA LEU B 19 40.64 -29.13 -54.65
C LEU B 19 40.50 -29.21 -56.17
N ASP B 20 39.28 -29.46 -56.63
CA ASP B 20 38.99 -29.62 -58.06
C ASP B 20 39.02 -28.31 -58.84
N PRO B 21 39.95 -28.19 -59.82
CA PRO B 21 40.23 -26.90 -60.48
C PRO B 21 39.13 -26.44 -61.41
N GLU B 22 38.29 -27.38 -61.85
CA GLU B 22 37.27 -27.05 -62.84
C GLU B 22 35.95 -26.67 -62.15
N LEU B 23 35.99 -26.58 -60.83
CA LEU B 23 34.85 -26.06 -60.07
C LEU B 23 34.57 -24.65 -60.54
N ALA B 24 33.29 -24.29 -60.63
CA ALA B 24 32.87 -22.96 -61.06
C ALA B 24 33.52 -21.84 -60.23
N GLN B 25 33.69 -20.66 -60.84
CA GLN B 25 34.28 -19.51 -60.15
C GLN B 25 33.26 -18.73 -59.31
N SER B 26 32.07 -19.29 -59.14
CA SER B 26 31.09 -18.69 -58.26
C SER B 26 31.01 -19.55 -57.00
N GLU B 27 31.32 -20.84 -57.17
CA GLU B 27 31.30 -21.79 -56.07
C GLU B 27 32.67 -21.89 -55.40
N ARG B 28 33.72 -21.62 -56.15
CA ARG B 28 35.04 -21.54 -55.55
C ARG B 28 35.11 -20.27 -54.73
N THR B 29 34.58 -19.17 -55.27
CA THR B 29 34.64 -17.90 -54.56
C THR B 29 33.71 -17.92 -53.35
N GLU B 30 32.57 -18.58 -53.50
CA GLU B 30 31.64 -18.74 -52.39
C GLU B 30 32.22 -19.62 -51.27
N ALA B 31 32.91 -20.69 -51.66
CA ALA B 31 33.42 -21.68 -50.71
C ALA B 31 34.60 -21.17 -49.91
N LEU B 32 35.27 -20.15 -50.41
CA LEU B 32 36.40 -19.61 -49.70
C LEU B 32 35.94 -18.43 -48.89
N GLN B 33 34.72 -18.02 -49.09
CA GLN B 33 34.17 -16.98 -48.27
C GLN B 33 33.76 -17.66 -47.01
N GLN B 34 33.10 -18.79 -47.19
CA GLN B 34 32.63 -19.57 -46.09
C GLN B 34 33.70 -19.79 -45.11
N LEU B 35 34.90 -19.88 -45.61
CA LEU B 35 36.07 -20.19 -44.84
C LEU B 35 36.68 -18.93 -44.36
N ARG B 36 36.31 -17.84 -44.98
CA ARG B 36 36.78 -16.53 -44.57
C ARG B 36 35.98 -16.00 -43.40
N VAL B 37 34.66 -16.07 -43.50
CA VAL B 37 33.80 -15.68 -42.39
C VAL B 37 34.17 -16.57 -41.19
N ASN B 38 34.08 -17.88 -41.40
CA ASN B 38 34.32 -18.88 -40.35
C ASN B 38 35.63 -18.65 -39.61
N TYR B 39 36.74 -18.48 -40.32
CA TYR B 39 38.01 -18.11 -39.69
C TYR B 39 37.98 -16.68 -39.16
N GLY B 40 37.27 -15.81 -39.87
CA GLY B 40 37.22 -14.41 -39.51
C GLY B 40 36.79 -14.21 -38.08
N SER B 41 35.62 -14.70 -37.73
CA SER B 41 35.03 -14.26 -36.48
C SER B 41 35.37 -15.15 -35.27
N PHE B 42 35.30 -16.46 -35.41
CA PHE B 42 35.92 -17.29 -34.38
C PHE B 42 37.26 -18.01 -34.42
N VAL B 43 37.70 -18.45 -35.56
CA VAL B 43 38.89 -19.29 -35.53
C VAL B 43 39.88 -18.31 -34.92
N SER B 44 40.01 -17.15 -35.58
CA SER B 44 40.94 -16.10 -35.17
C SER B 44 40.98 -15.70 -33.70
N GLU B 45 39.81 -15.72 -33.05
CA GLU B 45 39.75 -15.40 -31.63
C GLU B 45 40.44 -16.49 -30.77
N TYR B 46 40.43 -17.74 -31.25
CA TYR B 46 41.06 -18.86 -30.50
C TYR B 46 42.53 -19.02 -30.89
N ASN B 47 43.08 -18.03 -31.58
CA ASN B 47 44.52 -18.00 -31.84
C ASN B 47 45.29 -17.55 -30.61
N ASP B 48 44.62 -16.84 -29.71
CA ASP B 48 45.28 -16.33 -28.50
C ASP B 48 44.77 -16.98 -27.22
N LEU B 49 43.55 -17.49 -27.27
CA LEU B 49 42.75 -17.71 -26.07
C LEU B 49 43.36 -18.70 -25.08
N THR B 50 43.90 -18.13 -24.01
CA THR B 50 44.45 -18.89 -22.91
C THR B 50 43.35 -19.16 -21.91
N LYS B 51 43.40 -20.32 -21.26
CA LYS B 51 42.44 -20.68 -20.22
C LYS B 51 42.34 -19.59 -19.16
N SER B 52 43.39 -18.81 -19.01
CA SER B 52 43.37 -17.73 -18.06
C SER B 52 42.72 -16.53 -18.65
N LYS B 53 42.89 -16.32 -19.94
CA LYS B 53 42.45 -15.08 -20.53
C LYS B 53 41.00 -15.12 -20.44
N MET B 54 40.42 -16.25 -20.79
CA MET B 54 38.97 -16.27 -20.82
C MET B 54 38.34 -16.58 -19.45
N ARG B 55 39.14 -16.96 -18.46
CA ARG B 55 38.63 -17.02 -17.09
C ARG B 55 38.34 -15.62 -16.57
N ARG B 56 39.25 -14.70 -16.85
CA ARG B 56 39.08 -13.31 -16.43
C ARG B 56 37.90 -12.67 -17.13
N ASP B 57 37.81 -12.95 -18.42
CA ASP B 57 36.67 -12.54 -19.25
C ASP B 57 35.32 -13.02 -18.74
N LEU B 58 35.22 -14.31 -18.48
CA LEU B 58 34.05 -14.84 -17.84
C LEU B 58 33.79 -14.15 -16.50
N GLU B 59 34.84 -13.89 -15.70
CA GLU B 59 34.61 -13.29 -14.39
C GLU B 59 34.11 -11.85 -14.54
N GLU B 60 34.60 -11.16 -15.57
CA GLU B 60 34.25 -9.76 -15.80
C GLU B 60 32.80 -9.61 -16.25
N ALA B 61 32.33 -10.54 -17.08
CA ALA B 61 30.91 -10.63 -17.43
C ALA B 61 30.07 -10.69 -16.17
N THR B 62 30.39 -11.68 -15.33
CA THR B 62 29.77 -11.81 -14.01
C THR B 62 29.68 -10.52 -13.18
N LEU B 63 30.80 -9.79 -13.13
CA LEU B 63 30.83 -8.57 -12.37
C LEU B 63 29.89 -7.60 -13.03
N GLN B 64 29.97 -7.53 -14.35
CA GLN B 64 29.21 -6.55 -15.10
C GLN B 64 27.73 -6.81 -14.99
N HIS B 65 27.35 -8.08 -15.00
CA HIS B 65 25.95 -8.45 -14.79
C HIS B 65 25.43 -8.05 -13.41
N GLU B 66 26.17 -8.42 -12.36
CA GLU B 66 25.73 -8.04 -11.02
C GLU B 66 25.70 -6.50 -10.85
N ALA B 67 26.65 -5.80 -11.43
CA ALA B 67 26.64 -4.35 -11.35
C ALA B 67 25.39 -3.83 -12.04
N THR B 68 25.01 -4.45 -13.16
CA THR B 68 23.85 -3.99 -13.91
C THR B 68 22.56 -4.29 -13.14
N ALA B 69 22.47 -5.51 -12.58
CA ALA B 69 21.33 -5.92 -11.77
C ALA B 69 21.18 -5.04 -10.53
N ALA B 70 22.31 -4.66 -9.95
CA ALA B 70 22.32 -3.93 -8.69
C ALA B 70 21.82 -2.52 -8.94
N ALA B 71 22.25 -1.92 -10.06
CA ALA B 71 21.80 -0.58 -10.42
C ALA B 71 20.30 -0.58 -10.68
N LEU B 72 19.81 -1.62 -11.37
CA LEU B 72 18.38 -1.77 -11.61
C LEU B 72 17.65 -1.88 -10.28
N ARG B 73 18.10 -2.80 -9.42
CA ARG B 73 17.55 -2.94 -8.06
C ARG B 73 17.49 -1.60 -7.32
N LYS B 74 18.57 -0.82 -7.40
CA LYS B 74 18.60 0.48 -6.76
C LYS B 74 17.45 1.37 -7.24
N LYS B 75 17.35 1.50 -8.57
CA LYS B 75 16.28 2.26 -9.21
C LYS B 75 14.88 1.83 -8.78
N HIS B 76 14.56 0.56 -9.01
CA HIS B 76 13.26 0.03 -8.63
C HIS B 76 12.92 0.37 -7.16
N ALA B 77 13.88 0.11 -6.26
CA ALA B 77 13.71 0.37 -4.85
C ALA B 77 13.34 1.82 -4.57
N ASP B 78 14.02 2.74 -5.23
CA ASP B 78 13.72 4.15 -5.01
C ASP B 78 12.30 4.48 -5.51
N SER B 79 11.88 3.87 -6.63
CA SER B 79 10.53 4.14 -7.15
C SER B 79 9.44 3.63 -6.21
N VAL B 80 9.58 2.41 -5.74
CA VAL B 80 8.60 1.82 -4.86
C VAL B 80 8.46 2.65 -3.60
N ALA B 81 9.58 3.15 -3.08
CA ALA B 81 9.56 3.93 -1.85
C ALA B 81 8.74 5.20 -2.05
N GLU B 82 8.95 5.85 -3.20
CA GLU B 82 8.27 7.10 -3.50
C GLU B 82 6.77 6.89 -3.64
N LEU B 83 6.36 5.78 -4.25
CA LEU B 83 4.94 5.48 -4.33
C LEU B 83 4.40 5.24 -2.93
N GLY B 84 5.16 4.51 -2.11
CA GLY B 84 4.78 4.27 -0.73
C GLY B 84 4.63 5.55 0.08
N GLU B 85 5.54 6.50 -0.10
CA GLU B 85 5.47 7.72 0.68
C GLU B 85 4.25 8.55 0.29
N GLN B 86 3.83 8.46 -0.97
CA GLN B 86 2.64 9.18 -1.42
C GLN B 86 1.38 8.58 -0.81
N ILE B 87 1.41 7.27 -0.60
CA ILE B 87 0.28 6.58 -0.03
C ILE B 87 0.19 6.90 1.46
N ASP B 88 1.33 7.01 2.13
CA ASP B 88 1.37 7.39 3.53
C ASP B 88 0.80 8.80 3.74
N ASN B 89 1.29 9.74 2.94
CA ASN B 89 0.79 11.11 2.95
C ASN B 89 -0.70 11.16 2.82
N LEU B 90 -1.19 10.57 1.75
CA LEU B 90 -2.61 10.59 1.43
C LEU B 90 -3.40 10.02 2.59
N GLN B 91 -2.79 9.03 3.26
CA GLN B 91 -3.40 8.39 4.42
C GLN B 91 -3.36 9.27 5.67
N ARG B 92 -2.28 10.03 5.85
CA ARG B 92 -2.29 11.01 6.93
C ARG B 92 -3.33 12.08 6.60
N VAL B 93 -3.61 12.20 5.31
CA VAL B 93 -4.58 13.17 4.82
C VAL B 93 -6.03 12.65 4.92
N LYS B 94 -6.24 11.35 4.66
CA LYS B 94 -7.56 10.73 4.81
C LYS B 94 -8.05 10.75 6.24
N GLN B 95 -7.17 10.34 7.15
CA GLN B 95 -7.35 10.55 8.57
C GLN B 95 -7.88 11.85 9.12
N LYS B 96 -7.25 12.90 8.61
CA LYS B 96 -7.38 14.29 9.06
C LYS B 96 -8.70 14.89 8.53
N LEU B 97 -9.01 14.63 7.27
CA LEU B 97 -10.19 15.18 6.64
C LEU B 97 -11.44 14.54 7.22
N GLU B 98 -11.47 13.22 7.33
CA GLU B 98 -12.63 12.48 7.85
C GLU B 98 -12.80 12.73 9.36
N LYS B 99 -11.74 13.27 9.97
CA LYS B 99 -11.77 13.73 11.35
C LYS B 99 -12.65 14.97 11.42
N GLU B 100 -12.28 15.99 10.64
CA GLU B 100 -12.97 17.27 10.66
C GLU B 100 -14.33 17.13 10.01
N LYS B 101 -14.44 16.26 9.02
CA LYS B 101 -15.72 15.93 8.41
C LYS B 101 -16.72 15.46 9.46
N SER B 102 -16.25 14.69 10.43
CA SER B 102 -17.10 14.22 11.50
C SER B 102 -17.20 15.26 12.63
N GLU B 103 -16.09 15.97 12.85
CA GLU B 103 -16.03 17.07 13.84
C GLU B 103 -16.92 18.20 13.39
N PHE B 104 -16.91 18.51 12.11
CA PHE B 104 -17.99 19.34 11.62
C PHE B 104 -19.32 18.59 11.66
N LYS B 105 -19.38 17.25 11.60
CA LYS B 105 -20.67 16.65 11.23
C LYS B 105 -21.69 16.91 12.36
N LEU B 106 -21.47 16.74 13.64
CA LEU B 106 -22.64 17.26 14.37
C LEU B 106 -22.44 18.46 15.26
N GLU B 107 -21.23 18.99 15.40
CA GLU B 107 -21.16 20.35 15.91
C GLU B 107 -22.24 21.28 15.33
N LEU B 108 -22.41 21.08 14.01
CA LEU B 108 -23.59 21.41 13.13
C LEU B 108 -25.04 21.23 13.50
N ASP B 109 -25.26 20.25 14.37
CA ASP B 109 -26.60 19.89 14.73
C ASP B 109 -26.63 19.94 16.23
N ASP B 110 -25.47 20.03 16.86
CA ASP B 110 -25.38 20.55 18.22
C ASP B 110 -25.97 21.98 18.13
N VAL B 111 -25.29 22.82 17.36
CA VAL B 111 -25.76 24.17 17.06
C VAL B 111 -27.13 24.18 16.32
N THR B 112 -27.46 23.22 15.46
CA THR B 112 -28.74 23.34 14.77
C THR B 112 -29.97 23.06 15.63
N SER B 113 -30.00 21.93 16.35
CA SER B 113 -31.21 21.61 17.14
C SER B 113 -31.10 22.32 18.50
N ASN B 114 -29.96 22.98 18.75
CA ASN B 114 -29.92 24.11 19.66
C ASN B 114 -30.90 25.15 19.16
N MET B 115 -30.68 25.55 17.91
CA MET B 115 -31.51 26.53 17.22
C MET B 115 -33.01 26.21 17.18
N GLU B 116 -33.41 25.02 16.71
CA GLU B 116 -34.84 24.77 16.59
C GLU B 116 -35.54 24.63 17.94
N GLN B 117 -34.80 24.80 19.03
CA GLN B 117 -35.40 25.03 20.33
C GLN B 117 -35.47 26.55 20.60
N ILE B 118 -34.46 27.28 20.18
CA ILE B 118 -34.53 28.71 20.30
C ILE B 118 -35.53 29.31 19.34
N GLU B 119 -36.05 28.50 18.43
CA GLU B 119 -37.04 28.95 17.47
C GLU B 119 -38.38 28.89 18.10
N LYS B 120 -38.75 27.75 18.63
CA LYS B 120 -40.04 27.62 19.25
C LYS B 120 -40.05 28.31 20.56
N GLU B 121 -38.92 28.82 21.00
CA GLU B 121 -38.95 29.73 22.12
C GLU B 121 -39.42 31.07 21.58
N ARG B 122 -38.77 31.53 20.51
CA ARG B 122 -39.18 32.73 19.81
C ARG B 122 -40.66 32.65 19.46
N ASP B 123 -41.09 31.54 18.88
CA ASP B 123 -42.49 31.39 18.48
C ASP B 123 -43.43 31.31 19.70
N PHE B 124 -42.97 30.66 20.78
CA PHE B 124 -43.70 30.66 22.05
C PHE B 124 -44.06 32.10 22.45
N TYR B 125 -43.03 32.96 22.50
CA TYR B 125 -43.15 34.36 22.94
C TYR B 125 -43.98 35.20 21.98
N PHE B 126 -43.63 35.08 20.68
CA PHE B 126 -44.36 35.77 19.62
C PHE B 126 -45.87 35.52 19.76
N GLY B 127 -46.25 34.29 20.06
CA GLY B 127 -47.63 33.92 20.27
C GLY B 127 -48.21 34.53 21.54
N LYS B 128 -47.39 34.71 22.56
CA LYS B 128 -47.89 35.38 23.76
C LYS B 128 -48.25 36.81 23.38
N LEU B 129 -47.44 37.38 22.50
CA LEU B 129 -47.57 38.77 22.09
C LEU B 129 -48.77 39.00 21.19
N ARG B 130 -49.01 38.03 20.29
CA ARG B 130 -50.13 38.07 19.35
C ARG B 130 -51.48 37.96 20.08
N ASN B 131 -51.49 37.25 21.21
CA ASN B 131 -52.72 37.05 21.98
C ASN B 131 -52.97 38.27 22.83
N ILE B 132 -51.90 38.89 23.31
CA ILE B 132 -52.02 40.08 24.12
C ILE B 132 -52.55 41.21 23.25
N GLU B 133 -52.04 41.22 22.03
CA GLU B 133 -52.44 42.23 21.08
C GLU B 133 -53.92 42.05 20.77
N LEU B 134 -54.34 40.79 20.62
CA LEU B 134 -55.76 40.50 20.40
C LEU B 134 -56.61 41.17 21.46
N ILE B 135 -56.43 40.73 22.71
CA ILE B 135 -57.08 41.33 23.85
C ILE B 135 -57.10 42.83 23.76
N CYS B 136 -55.93 43.41 23.47
CA CYS B 136 -55.84 44.86 23.38
C CYS B 136 -56.86 45.43 22.41
N GLN B 137 -57.05 44.78 21.28
CA GLN B 137 -57.90 45.36 20.25
C GLN B 137 -59.39 45.09 20.55
N GLU B 138 -59.69 44.00 21.26
CA GLU B 138 -61.04 43.76 21.79
C GLU B 138 -61.49 44.92 22.69
N ASN B 139 -60.52 45.62 23.30
CA ASN B 139 -60.84 46.64 24.27
C ASN B 139 -60.23 48.00 23.89
N GLU B 140 -60.04 48.21 22.59
CA GLU B 140 -59.38 49.41 22.07
C GLU B 140 -60.24 50.68 22.15
N GLY B 141 -61.56 50.51 22.20
CA GLY B 141 -62.47 51.64 22.28
C GLY B 141 -62.45 52.40 23.59
N GLU B 142 -61.92 51.75 24.64
CA GLU B 142 -61.93 52.29 26.01
C GLU B 142 -60.99 53.49 26.22
N ASN B 143 -60.05 53.68 25.28
CA ASN B 143 -58.96 54.65 25.43
C ASN B 143 -58.23 54.51 26.78
N ASP B 144 -58.16 53.26 27.26
CA ASP B 144 -57.46 52.88 28.49
C ASP B 144 -55.98 53.22 28.35
N PRO B 145 -55.49 54.17 29.16
CA PRO B 145 -54.11 54.65 28.94
C PRO B 145 -53.07 53.56 29.19
N VAL B 146 -53.36 52.65 30.12
CA VAL B 146 -52.47 51.52 30.34
C VAL B 146 -52.47 50.58 29.12
N LEU B 147 -53.65 50.21 28.64
CA LEU B 147 -53.74 49.44 27.40
C LEU B 147 -52.96 50.13 26.26
N GLN B 148 -52.98 51.46 26.24
CA GLN B 148 -52.31 52.11 25.13
C GLN B 148 -50.81 51.96 25.32
N ARG B 149 -50.35 51.95 26.56
CA ARG B 149 -48.92 51.78 26.84
C ARG B 149 -48.49 50.46 26.27
N ILE B 150 -49.32 49.46 26.57
CA ILE B 150 -49.06 48.08 26.21
C ILE B 150 -49.08 47.93 24.69
N VAL B 151 -50.12 48.44 24.03
CA VAL B 151 -50.22 48.42 22.55
C VAL B 151 -48.98 49.00 21.89
N ASP B 152 -48.43 50.04 22.51
CA ASP B 152 -47.36 50.78 21.88
C ASP B 152 -46.09 49.96 22.00
N ILE B 153 -45.99 49.16 23.06
CA ILE B 153 -44.92 48.18 23.22
C ILE B 153 -44.96 47.09 22.14
N LEU B 154 -46.15 46.57 21.88
CA LEU B 154 -46.30 45.51 20.90
C LEU B 154 -45.78 45.94 19.53
N TYR B 155 -46.23 47.10 19.06
CA TYR B 155 -45.83 47.52 17.72
C TYR B 155 -44.56 48.35 17.71
N ALA B 156 -43.85 48.38 18.85
CA ALA B 156 -42.56 49.05 18.94
C ALA B 156 -41.52 48.24 18.17
N THR B 157 -40.56 48.91 17.55
CA THR B 157 -39.70 48.30 16.55
C THR B 157 -38.20 48.60 16.73
N ASP B 158 -37.45 47.52 16.85
CA ASP B 158 -36.02 47.41 16.56
C ASP B 158 -35.65 45.96 16.27
N GLU B 159 -36.57 45.27 15.62
CA GLU B 159 -36.53 43.84 15.39
C GLU B 159 -35.14 43.26 15.17
N ARG C 28 -59.21 29.15 65.19
CA ARG C 28 -57.96 29.42 64.48
C ARG C 28 -58.03 28.62 63.14
N THR C 29 -58.83 29.11 62.19
CA THR C 29 -58.86 28.66 60.76
C THR C 29 -58.28 29.89 60.09
N GLU C 30 -57.69 30.70 60.96
CA GLU C 30 -56.55 31.52 60.63
C GLU C 30 -55.58 30.64 59.88
N ALA C 31 -55.41 29.41 60.39
CA ALA C 31 -54.49 28.40 59.86
C ALA C 31 -54.56 28.37 58.36
N LEU C 32 -55.77 28.32 57.84
CA LEU C 32 -56.00 28.19 56.41
C LEU C 32 -55.74 29.51 55.68
N GLN C 33 -55.96 30.64 56.34
CA GLN C 33 -55.71 31.91 55.65
C GLN C 33 -54.30 32.49 55.75
N GLN C 34 -53.50 32.13 56.76
CA GLN C 34 -52.08 32.54 56.80
C GLN C 34 -51.26 31.57 55.91
N LEU C 35 -51.99 30.68 55.20
CA LEU C 35 -51.40 29.85 54.18
C LEU C 35 -52.06 30.10 52.83
N ARG C 36 -53.29 30.62 52.85
CA ARG C 36 -53.92 31.10 51.61
C ARG C 36 -53.20 32.34 51.11
N VAL C 37 -52.91 33.23 52.05
CA VAL C 37 -52.24 34.48 51.69
C VAL C 37 -50.76 34.25 51.31
N ASN C 38 -50.09 33.41 52.10
CA ASN C 38 -48.65 33.21 52.05
C ASN C 38 -48.20 32.45 50.82
N TYR C 39 -49.14 31.69 50.28
CA TYR C 39 -48.96 30.91 49.07
C TYR C 39 -49.41 31.74 47.88
N GLY C 40 -50.24 32.74 48.20
CA GLY C 40 -50.78 33.66 47.23
C GLY C 40 -49.70 34.47 46.56
N SER C 41 -48.75 34.97 47.35
CA SER C 41 -47.67 35.74 46.76
C SER C 41 -46.46 34.86 46.49
N PHE C 42 -46.57 33.58 46.81
CA PHE C 42 -45.58 32.63 46.36
C PHE C 42 -45.74 32.40 44.88
N VAL C 43 -46.98 32.19 44.43
CA VAL C 43 -47.23 31.93 43.00
C VAL C 43 -46.91 33.17 42.16
N SER C 44 -46.99 34.35 42.76
CA SER C 44 -46.66 35.59 42.08
C SER C 44 -45.15 35.68 41.83
N GLU C 45 -44.36 35.32 42.84
CA GLU C 45 -42.91 35.37 42.75
C GLU C 45 -42.39 34.11 42.04
N TYR C 46 -43.17 33.06 42.04
CA TYR C 46 -42.75 31.90 41.32
C TYR C 46 -42.98 32.11 39.85
N ASN C 47 -43.95 32.95 39.57
CA ASN C 47 -44.43 33.13 38.22
C ASN C 47 -43.67 34.08 37.37
N ASP C 48 -42.72 34.80 37.95
CA ASP C 48 -41.92 35.82 37.30
C ASP C 48 -41.44 35.35 35.99
N LEU C 49 -41.48 36.21 35.01
CA LEU C 49 -41.19 35.85 33.67
C LEU C 49 -39.79 35.33 33.49
N THR C 50 -38.81 35.98 34.06
CA THR C 50 -37.44 35.54 33.81
C THR C 50 -37.09 34.35 34.69
N LYS C 51 -37.75 34.22 35.82
CA LYS C 51 -37.55 33.03 36.65
C LYS C 51 -38.08 31.79 35.91
N SER C 52 -39.24 31.96 35.31
CA SER C 52 -39.88 30.91 34.57
C SER C 52 -39.04 30.49 33.41
N LYS C 53 -38.46 31.45 32.71
CA LYS C 53 -37.67 31.15 31.53
C LYS C 53 -36.52 30.38 31.96
N MET C 54 -35.99 30.73 33.09
CA MET C 54 -34.82 30.00 33.59
C MET C 54 -35.12 28.57 33.99
N ARG C 55 -36.30 28.35 34.58
CA ARG C 55 -36.74 26.99 34.88
C ARG C 55 -36.75 26.17 33.61
N ARG C 56 -37.35 26.73 32.55
CA ARG C 56 -37.38 26.07 31.25
C ARG C 56 -35.98 25.80 30.72
N ASP C 57 -35.17 26.85 30.70
CA ASP C 57 -33.83 26.85 30.14
C ASP C 57 -33.00 25.69 30.71
N LEU C 58 -33.07 25.52 32.01
CA LEU C 58 -32.33 24.46 32.67
C LEU C 58 -32.88 23.11 32.24
N GLU C 59 -34.20 23.00 32.25
CA GLU C 59 -34.89 21.78 31.85
C GLU C 59 -34.54 21.31 30.43
N GLU C 60 -34.65 22.21 29.45
CA GLU C 60 -34.32 21.88 28.07
C GLU C 60 -32.83 21.57 27.90
N ALA C 61 -31.98 22.31 28.61
CA ALA C 61 -30.56 22.08 28.53
C ALA C 61 -30.21 20.67 29.02
N THR C 62 -30.77 20.28 30.15
CA THR C 62 -30.48 18.95 30.70
C THR C 62 -30.87 17.88 29.67
N LEU C 63 -32.11 17.95 29.16
CA LEU C 63 -32.55 17.03 28.10
C LEU C 63 -31.66 16.77 26.86
N GLN C 64 -31.21 17.80 26.17
CA GLN C 64 -30.43 17.50 24.98
C GLN C 64 -28.97 17.56 25.40
N HIS C 65 -28.71 17.55 26.70
CA HIS C 65 -27.36 17.18 27.06
C HIS C 65 -27.38 15.66 27.06
N GLU C 66 -28.37 15.14 27.78
CA GLU C 66 -28.50 13.72 27.98
C GLU C 66 -28.75 12.97 26.66
N ALA C 67 -29.40 13.63 25.70
CA ALA C 67 -29.54 13.06 24.37
C ALA C 67 -28.21 13.14 23.60
N THR C 68 -27.57 14.31 23.56
CA THR C 68 -26.25 14.47 22.92
C THR C 68 -25.23 13.44 23.41
N ALA C 69 -25.25 13.15 24.72
CA ALA C 69 -24.35 12.18 25.29
C ALA C 69 -24.65 10.76 24.76
N ALA C 70 -25.90 10.35 24.87
CA ALA C 70 -26.36 9.05 24.37
C ALA C 70 -26.12 8.89 22.87
N ALA C 71 -26.08 10.01 22.16
CA ALA C 71 -25.82 9.99 20.74
C ALA C 71 -24.34 9.88 20.47
N LEU C 72 -23.52 10.20 21.46
CA LEU C 72 -22.07 10.12 21.30
C LEU C 72 -21.52 8.72 21.63
N ARG C 73 -22.19 8.02 22.54
CA ARG C 73 -21.76 6.70 22.95
C ARG C 73 -22.10 5.70 21.86
N LYS C 74 -23.37 5.66 21.49
CA LYS C 74 -23.84 4.83 20.39
C LYS C 74 -22.96 5.03 19.18
N LYS C 75 -22.74 6.28 18.81
CA LYS C 75 -21.86 6.61 17.71
C LYS C 75 -20.49 5.99 17.93
N HIS C 76 -20.02 5.99 19.17
CA HIS C 76 -18.69 5.48 19.50
C HIS C 76 -18.64 3.97 19.54
N ALA C 77 -19.68 3.38 20.11
CA ALA C 77 -19.79 1.93 20.22
C ALA C 77 -19.70 1.33 18.83
N ASP C 78 -20.52 1.84 17.92
CA ASP C 78 -20.50 1.39 16.54
C ASP C 78 -19.13 1.68 15.93
N SER C 79 -18.62 2.88 16.17
CA SER C 79 -17.28 3.24 15.69
C SER C 79 -16.20 2.23 16.09
N VAL C 80 -16.30 1.70 17.33
CA VAL C 80 -15.34 0.71 17.83
C VAL C 80 -15.58 -0.66 17.19
N ALA C 81 -16.84 -1.00 16.92
CA ALA C 81 -17.13 -2.30 16.32
C ALA C 81 -16.61 -2.36 14.87
N GLU C 82 -16.89 -1.37 14.04
CA GLU C 82 -16.47 -1.48 12.64
C GLU C 82 -14.97 -1.27 12.53
N LEU C 83 -14.40 -0.55 13.48
CA LEU C 83 -12.95 -0.51 13.61
C LEU C 83 -12.44 -1.81 14.23
N GLY C 84 -13.35 -2.51 14.90
CA GLY C 84 -12.98 -3.76 15.55
C GLY C 84 -12.65 -4.84 14.55
N GLU C 85 -13.55 -5.06 13.60
CA GLU C 85 -13.35 -6.15 12.65
C GLU C 85 -12.26 -5.81 11.65
N GLN C 86 -12.06 -4.53 11.35
CA GLN C 86 -10.92 -4.15 10.51
C GLN C 86 -9.60 -4.59 11.13
N ILE C 87 -9.55 -4.66 12.46
CA ILE C 87 -8.37 -5.14 13.15
C ILE C 87 -8.25 -6.67 13.12
N ASP C 88 -9.37 -7.35 13.35
CA ASP C 88 -9.35 -8.80 13.43
C ASP C 88 -9.16 -9.41 12.07
N ASN C 89 -9.48 -8.65 11.01
CA ASN C 89 -9.26 -9.13 9.66
C ASN C 89 -7.83 -8.87 9.21
N LEU C 90 -7.22 -7.85 9.78
CA LEU C 90 -5.84 -7.55 9.44
C LEU C 90 -4.93 -8.54 10.13
N GLN C 91 -5.42 -9.18 11.18
CA GLN C 91 -4.61 -10.18 11.87
C GLN C 91 -4.75 -11.54 11.17
N ARG C 92 -5.91 -11.75 10.55
CA ARG C 92 -6.15 -12.91 9.69
C ARG C 92 -5.31 -12.85 8.43
N VAL C 93 -4.99 -11.64 7.99
CA VAL C 93 -4.11 -11.50 6.84
C VAL C 93 -2.65 -11.61 7.30
N LYS C 94 -2.33 -11.06 8.46
CA LYS C 94 -0.98 -11.17 8.96
C LYS C 94 -0.61 -12.65 9.01
N GLN C 95 -1.42 -13.46 9.70
CA GLN C 95 -1.10 -14.86 9.93
C GLN C 95 -1.08 -15.66 8.63
N LYS C 96 -1.94 -15.30 7.68
CA LYS C 96 -1.94 -15.99 6.39
C LYS C 96 -0.65 -15.72 5.58
N LEU C 97 -0.22 -14.47 5.55
CA LEU C 97 1.06 -14.13 4.94
C LEU C 97 2.18 -14.79 5.71
N GLU C 98 2.10 -14.78 7.04
CA GLU C 98 3.21 -15.32 7.84
C GLU C 98 3.46 -16.79 7.50
N LYS C 99 2.40 -17.51 7.15
CA LYS C 99 2.57 -18.91 6.82
C LYS C 99 3.09 -19.10 5.38
N GLU C 100 2.46 -18.43 4.43
CA GLU C 100 2.88 -18.53 3.04
C GLU C 100 4.32 -18.12 2.90
N LYS C 101 4.67 -17.04 3.59
CA LYS C 101 6.06 -16.59 3.64
C LYS C 101 6.97 -17.76 4.00
N SER C 102 6.58 -18.49 5.03
CA SER C 102 7.34 -19.64 5.51
C SER C 102 7.27 -20.86 4.58
N GLU C 103 6.20 -21.03 3.83
CA GLU C 103 6.18 -22.12 2.85
C GLU C 103 7.17 -21.83 1.70
N PHE C 104 7.27 -20.57 1.31
CA PHE C 104 8.25 -20.19 0.33
C PHE C 104 9.63 -20.32 0.96
N LYS C 105 9.78 -20.07 2.26
CA LYS C 105 11.16 -20.10 2.79
C LYS C 105 11.71 -21.50 2.92
N LEU C 106 10.85 -22.45 3.30
CA LEU C 106 11.23 -23.86 3.42
C LEU C 106 11.59 -24.43 2.07
N GLU C 107 10.78 -24.16 1.06
CA GLU C 107 11.05 -24.71 -0.26
C GLU C 107 12.29 -24.09 -0.85
N LEU C 108 12.51 -22.81 -0.60
CA LEU C 108 13.70 -22.10 -1.05
C LEU C 108 14.97 -22.68 -0.42
N ASP C 109 14.94 -22.89 0.90
CA ASP C 109 16.07 -23.44 1.63
C ASP C 109 16.40 -24.86 1.18
N ASP C 110 15.37 -25.69 1.01
CA ASP C 110 15.56 -27.08 0.61
C ASP C 110 16.19 -27.16 -0.78
N VAL C 111 15.72 -26.32 -1.68
CA VAL C 111 16.23 -26.28 -3.05
C VAL C 111 17.66 -25.75 -3.10
N THR C 112 17.92 -24.62 -2.44
CA THR C 112 19.27 -24.07 -2.33
C THR C 112 20.26 -25.08 -1.79
N SER C 113 19.88 -25.73 -0.70
CA SER C 113 20.80 -26.63 -0.02
C SER C 113 21.02 -27.87 -0.87
N ASN C 114 20.01 -28.18 -1.67
CA ASN C 114 20.08 -29.26 -2.62
C ASN C 114 20.99 -28.91 -3.83
N MET C 115 20.90 -27.67 -4.32
CA MET C 115 21.76 -27.24 -5.42
C MET C 115 23.21 -27.12 -4.98
N GLU C 116 23.45 -26.83 -3.71
CA GLU C 116 24.81 -26.54 -3.29
C GLU C 116 25.59 -27.83 -3.27
N GLN C 117 24.88 -28.95 -3.20
CA GLN C 117 25.51 -30.27 -3.27
C GLN C 117 25.68 -30.76 -4.71
N ILE C 118 24.65 -30.64 -5.51
CA ILE C 118 24.74 -30.98 -6.91
C ILE C 118 25.87 -30.24 -7.60
N GLU C 119 26.23 -29.06 -7.11
CA GLU C 119 27.33 -28.31 -7.64
C GLU C 119 28.61 -28.95 -7.27
N LYS C 120 28.85 -29.09 -6.01
CA LYS C 120 30.04 -29.76 -5.52
C LYS C 120 30.33 -31.04 -6.29
N GLU C 121 29.28 -31.82 -6.55
CA GLU C 121 29.42 -33.02 -7.31
C GLU C 121 29.90 -32.72 -8.72
N ARG C 122 29.27 -31.73 -9.34
CA ARG C 122 29.55 -31.44 -10.72
C ARG C 122 31.00 -31.06 -10.91
N ASP C 123 31.47 -30.19 -10.03
CA ASP C 123 32.84 -29.70 -10.08
C ASP C 123 33.80 -30.82 -9.80
N PHE C 124 33.43 -31.66 -8.85
CA PHE C 124 34.23 -32.82 -8.53
C PHE C 124 34.36 -33.65 -9.79
N TYR C 125 33.22 -33.93 -10.43
CA TYR C 125 33.18 -34.82 -11.59
C TYR C 125 33.88 -34.18 -12.77
N PHE C 126 33.73 -32.86 -12.91
CA PHE C 126 34.50 -32.15 -13.93
C PHE C 126 35.98 -32.31 -13.63
N GLY C 127 36.35 -32.22 -12.36
CA GLY C 127 37.71 -32.45 -11.94
C GLY C 127 38.33 -33.74 -12.46
N LYS C 128 37.58 -34.84 -12.38
CA LYS C 128 38.11 -36.13 -12.85
C LYS C 128 38.35 -36.14 -14.37
N LEU C 129 37.42 -35.53 -15.11
CA LEU C 129 37.51 -35.43 -16.56
C LEU C 129 38.76 -34.67 -16.96
N ARG C 130 39.06 -33.55 -16.29
CA ARG C 130 40.21 -32.74 -16.64
C ARG C 130 41.49 -33.51 -16.44
N ASN C 131 41.56 -34.31 -15.38
CA ASN C 131 42.75 -35.09 -15.07
C ASN C 131 42.97 -36.16 -16.10
N ILE C 132 41.89 -36.88 -16.41
CA ILE C 132 41.97 -37.93 -17.42
C ILE C 132 42.35 -37.34 -18.78
N GLU C 133 41.75 -36.21 -19.14
CA GLU C 133 42.11 -35.51 -20.38
C GLU C 133 43.60 -35.28 -20.44
N LEU C 134 44.15 -34.93 -19.29
CA LEU C 134 45.57 -34.61 -19.17
C LEU C 134 46.42 -35.83 -19.46
N ILE C 135 45.93 -36.98 -18.99
CA ILE C 135 46.62 -38.25 -19.16
C ILE C 135 46.63 -38.65 -20.64
N CYS C 136 45.55 -38.33 -21.33
CA CYS C 136 45.43 -38.68 -22.73
C CYS C 136 46.31 -37.80 -23.56
N GLN C 137 46.44 -36.54 -23.14
CA GLN C 137 47.37 -35.64 -23.77
C GLN C 137 48.80 -36.17 -23.56
N GLU C 138 49.06 -36.77 -22.40
CA GLU C 138 50.38 -37.26 -22.12
C GLU C 138 50.81 -38.42 -23.01
N ASN C 139 49.84 -39.18 -23.52
CA ASN C 139 50.16 -40.38 -24.29
C ASN C 139 49.66 -40.29 -25.73
N GLU C 140 49.55 -39.07 -26.26
CA GLU C 140 48.89 -38.85 -27.54
C GLU C 140 49.77 -39.32 -28.71
N GLY C 141 51.08 -39.13 -28.60
CA GLY C 141 51.97 -39.51 -29.67
C GLY C 141 52.20 -41.00 -29.82
N GLU C 142 51.40 -41.80 -29.15
CA GLU C 142 51.57 -43.24 -29.22
C GLU C 142 50.24 -43.81 -29.63
N ASN C 143 50.23 -44.66 -30.63
CA ASN C 143 48.97 -45.22 -31.09
C ASN C 143 48.19 -45.81 -29.92
N ASP C 144 46.96 -45.36 -29.69
CA ASP C 144 46.08 -46.13 -28.89
C ASP C 144 44.68 -45.85 -29.31
N PRO C 145 44.13 -46.95 -29.96
CA PRO C 145 42.73 -46.76 -30.30
C PRO C 145 41.86 -46.94 -29.09
N VAL C 146 42.48 -47.09 -27.92
CA VAL C 146 41.73 -47.15 -26.67
C VAL C 146 41.74 -45.78 -26.02
N LEU C 147 42.93 -45.20 -25.90
CA LEU C 147 43.04 -43.85 -25.37
C LEU C 147 42.22 -42.92 -26.23
N GLN C 148 42.18 -43.20 -27.54
CA GLN C 148 41.37 -42.41 -28.48
C GLN C 148 39.86 -42.52 -28.22
N ARG C 149 39.37 -43.71 -27.86
CA ARG C 149 37.95 -43.87 -27.54
C ARG C 149 37.56 -43.00 -26.35
N ILE C 150 38.46 -42.97 -25.37
CA ILE C 150 38.24 -42.19 -24.18
C ILE C 150 38.16 -40.70 -24.53
N VAL C 151 39.01 -40.28 -25.45
CA VAL C 151 39.02 -38.88 -25.86
C VAL C 151 37.70 -38.49 -26.55
N ASP C 152 37.21 -39.40 -27.38
CA ASP C 152 35.97 -39.12 -28.08
C ASP C 152 34.85 -39.01 -27.04
N ILE C 153 34.90 -39.82 -25.99
CA ILE C 153 33.95 -39.69 -24.91
C ILE C 153 34.09 -38.33 -24.20
N LEU C 154 35.32 -37.88 -23.96
CA LEU C 154 35.51 -36.59 -23.31
C LEU C 154 34.82 -35.49 -24.14
N TYR C 155 35.03 -35.55 -25.46
CA TYR C 155 34.60 -34.46 -26.35
C TYR C 155 33.25 -34.64 -27.00
N ALA C 156 32.39 -35.47 -26.42
CA ALA C 156 31.04 -35.66 -26.97
C ALA C 156 30.14 -34.53 -26.49
N THR C 157 28.99 -34.34 -27.15
CA THR C 157 28.08 -33.25 -26.81
C THR C 157 26.74 -33.78 -26.30
N PRO D 5 -43.95 23.25 42.87
CA PRO D 5 -45.16 23.50 42.11
C PRO D 5 -46.34 22.91 42.81
N LEU D 6 -47.40 23.65 43.04
CA LEU D 6 -48.56 23.06 43.66
C LEU D 6 -49.85 23.71 43.16
N LYS D 7 -49.80 24.33 42.01
CA LYS D 7 -51.02 24.71 41.29
C LYS D 7 -51.92 25.62 42.06
N PRO D 8 -52.02 26.94 41.60
CA PRO D 8 -52.79 27.82 42.48
C PRO D 8 -54.27 27.59 42.37
N GLU D 9 -54.66 26.33 42.46
CA GLU D 9 -56.02 26.01 42.79
C GLU D 9 -55.96 24.77 43.61
N GLU D 10 -55.45 23.70 43.04
CA GLU D 10 -55.32 22.43 43.78
C GLU D 10 -54.86 22.64 45.24
N HIS D 11 -54.13 23.71 45.47
CA HIS D 11 -53.96 24.29 46.76
C HIS D 11 -55.27 24.66 47.44
N GLU D 12 -56.16 25.35 46.75
CA GLU D 12 -57.42 25.71 47.40
C GLU D 12 -58.37 24.52 47.63
N ASP D 13 -57.97 23.35 47.13
CA ASP D 13 -58.71 22.14 47.42
C ASP D 13 -58.40 21.72 48.85
N ILE D 14 -57.11 21.82 49.19
CA ILE D 14 -56.57 21.46 50.49
C ILE D 14 -57.14 22.40 51.53
N LEU D 15 -57.54 23.57 51.03
CA LEU D 15 -58.06 24.66 51.83
C LEU D 15 -59.43 24.29 52.43
N ASN D 16 -59.86 23.06 52.23
CA ASN D 16 -61.13 22.62 52.78
C ASN D 16 -60.92 21.44 53.71
N LYS D 17 -59.84 21.52 54.47
CA LYS D 17 -59.61 20.55 55.51
C LYS D 17 -60.51 20.87 56.71
N LEU D 18 -60.10 21.89 57.48
CA LEU D 18 -60.73 22.19 58.76
C LEU D 18 -61.86 23.19 58.63
N ASP D 48 -34.77 31.73 50.28
CA ASP D 48 -34.63 32.95 49.50
C ASP D 48 -33.99 32.68 48.15
N LEU D 49 -34.78 32.79 47.08
CA LEU D 49 -34.25 32.52 45.76
C LEU D 49 -34.30 33.76 44.88
N THR D 50 -33.13 34.22 44.47
CA THR D 50 -33.00 35.40 43.62
C THR D 50 -32.73 35.05 42.14
N LYS D 51 -33.05 35.98 41.27
CA LYS D 51 -32.75 35.83 39.86
C LYS D 51 -31.27 35.67 39.64
N SER D 52 -30.46 36.08 40.59
CA SER D 52 -29.04 35.93 40.40
C SER D 52 -28.62 34.59 40.83
N LYS D 53 -29.09 34.11 41.98
CA LYS D 53 -28.77 32.76 42.39
C LYS D 53 -29.12 31.84 41.30
N MET D 54 -30.35 31.90 40.82
CA MET D 54 -30.66 30.94 39.76
C MET D 54 -30.07 31.28 38.40
N ARG D 55 -29.41 32.41 38.26
CA ARG D 55 -28.72 32.66 37.01
C ARG D 55 -27.40 31.91 37.05
N ARG D 56 -26.80 31.87 38.23
CA ARG D 56 -25.49 31.25 38.40
C ARG D 56 -25.62 29.75 38.36
N ASP D 57 -26.68 29.21 38.96
CA ASP D 57 -26.89 27.78 38.94
C ASP D 57 -27.12 27.34 37.51
N LEU D 58 -27.90 28.10 36.75
CA LEU D 58 -28.09 27.78 35.36
C LEU D 58 -26.73 27.80 34.63
N GLU D 59 -25.90 28.82 34.85
CA GLU D 59 -24.57 28.81 34.26
C GLU D 59 -23.79 27.58 34.69
N GLU D 60 -23.87 27.23 35.97
CA GLU D 60 -23.12 26.10 36.54
C GLU D 60 -23.49 24.81 35.84
N ALA D 61 -24.79 24.52 35.85
CA ALA D 61 -25.38 23.41 35.12
C ALA D 61 -24.88 23.31 33.68
N THR D 62 -24.93 24.42 32.95
CA THR D 62 -24.55 24.34 31.56
C THR D 62 -23.05 24.25 31.39
N LEU D 63 -22.28 24.56 32.43
CA LEU D 63 -20.83 24.45 32.32
C LEU D 63 -20.46 23.01 32.52
N GLN D 64 -21.16 22.38 33.46
CA GLN D 64 -20.90 21.00 33.76
C GLN D 64 -21.28 20.15 32.54
N HIS D 65 -22.34 20.53 31.83
CA HIS D 65 -22.73 19.85 30.61
C HIS D 65 -21.60 19.90 29.57
N GLU D 66 -21.07 21.11 29.33
CA GLU D 66 -19.93 21.28 28.40
C GLU D 66 -18.73 20.46 28.82
N ALA D 67 -18.38 20.50 30.10
CA ALA D 67 -17.24 19.77 30.65
C ALA D 67 -17.38 18.29 30.34
N THR D 68 -18.51 17.74 30.80
CA THR D 68 -18.85 16.34 30.61
C THR D 68 -18.82 15.91 29.15
N ALA D 69 -19.53 16.63 28.27
CA ALA D 69 -19.46 16.33 26.83
C ALA D 69 -18.03 16.33 26.31
N ALA D 70 -17.28 17.40 26.62
CA ALA D 70 -15.93 17.56 26.12
C ALA D 70 -15.00 16.46 26.66
N ALA D 71 -15.24 16.03 27.89
CA ALA D 71 -14.48 14.93 28.48
C ALA D 71 -14.76 13.63 27.73
N LEU D 72 -16.04 13.32 27.56
CA LEU D 72 -16.43 12.12 26.85
C LEU D 72 -15.99 12.21 25.40
N ARG D 73 -16.05 13.40 24.83
CA ARG D 73 -15.61 13.59 23.44
C ARG D 73 -14.12 13.23 23.30
N LYS D 74 -13.33 13.56 24.30
CA LYS D 74 -11.90 13.35 24.25
C LYS D 74 -11.55 11.89 24.39
N LYS D 75 -12.09 11.29 25.44
CA LYS D 75 -11.98 9.86 25.74
C LYS D 75 -12.28 9.05 24.48
N HIS D 76 -13.35 9.43 23.78
CA HIS D 76 -13.78 8.75 22.57
C HIS D 76 -12.76 8.88 21.46
N ALA D 77 -12.34 10.10 21.19
CA ALA D 77 -11.29 10.34 20.21
C ALA D 77 -10.04 9.51 20.53
N ASP D 78 -9.56 9.55 21.77
CA ASP D 78 -8.29 8.86 22.13
C ASP D 78 -8.32 7.38 21.75
N SER D 79 -9.45 6.74 22.03
CA SER D 79 -9.71 5.36 21.64
C SER D 79 -9.51 5.14 20.15
N VAL D 80 -10.37 5.78 19.34
CA VAL D 80 -10.26 5.68 17.89
C VAL D 80 -8.82 5.95 17.37
N ALA D 81 -8.10 6.84 18.05
CA ALA D 81 -6.74 7.16 17.65
C ALA D 81 -5.79 6.00 17.94
N GLU D 82 -6.13 5.16 18.90
CA GLU D 82 -5.31 3.99 19.17
C GLU D 82 -5.74 2.88 18.22
N LEU D 83 -7.04 2.65 18.14
CA LEU D 83 -7.57 1.69 17.20
C LEU D 83 -7.05 1.99 15.79
N GLY D 84 -7.07 3.27 15.43
CA GLY D 84 -6.62 3.68 14.12
C GLY D 84 -5.15 3.38 13.94
N GLU D 85 -4.37 3.47 15.02
CA GLU D 85 -2.92 3.28 14.95
C GLU D 85 -2.54 1.80 14.82
N GLN D 86 -3.44 0.92 15.23
CA GLN D 86 -3.17 -0.51 15.16
C GLN D 86 -3.39 -0.97 13.75
N ILE D 87 -4.46 -0.47 13.13
CA ILE D 87 -4.71 -0.65 11.71
C ILE D 87 -3.55 -0.08 10.89
N ASP D 88 -2.93 0.98 11.39
CA ASP D 88 -1.71 1.53 10.78
C ASP D 88 -0.59 0.47 10.74
N ASN D 89 -0.10 0.04 11.90
CA ASN D 89 0.99 -0.94 11.97
C ASN D 89 0.68 -2.23 11.23
N LEU D 90 -0.56 -2.71 11.37
CA LEU D 90 -1.00 -3.94 10.73
C LEU D 90 -0.95 -3.86 9.21
N GLN D 91 -0.93 -2.66 8.67
CA GLN D 91 -0.82 -2.56 7.23
C GLN D 91 0.59 -2.26 6.75
N ARG D 92 1.52 -1.97 7.65
CA ARG D 92 2.94 -1.98 7.26
C ARG D 92 3.57 -3.32 7.62
N VAL D 93 2.84 -4.12 8.40
CA VAL D 93 3.25 -5.50 8.66
C VAL D 93 2.83 -6.33 7.47
N LYS D 94 1.57 -6.14 7.07
CA LYS D 94 1.04 -6.83 5.92
C LYS D 94 1.85 -6.53 4.71
N GLN D 95 2.17 -5.26 4.49
CA GLN D 95 2.89 -4.90 3.29
C GLN D 95 4.28 -5.50 3.37
N LYS D 96 4.87 -5.46 4.56
CA LYS D 96 6.22 -5.96 4.74
C LYS D 96 6.31 -7.45 4.40
N LEU D 97 5.35 -8.22 4.90
CA LEU D 97 5.30 -9.65 4.67
C LEU D 97 4.98 -9.97 3.21
N GLU D 98 4.16 -9.14 2.55
CA GLU D 98 3.91 -9.35 1.13
C GLU D 98 5.23 -9.18 0.36
N LYS D 99 6.04 -8.22 0.80
CA LYS D 99 7.35 -7.99 0.21
C LYS D 99 8.27 -9.20 0.37
N GLU D 100 8.39 -9.68 1.60
CA GLU D 100 9.23 -10.82 1.95
C GLU D 100 8.79 -12.16 1.32
N LYS D 101 7.48 -12.43 1.33
CA LYS D 101 6.91 -13.53 0.55
C LYS D 101 7.39 -13.45 -0.91
N SER D 102 7.38 -12.26 -1.49
CA SER D 102 7.69 -12.13 -2.91
C SER D 102 9.16 -12.40 -3.23
N GLU D 103 10.07 -11.85 -2.42
CA GLU D 103 11.51 -12.08 -2.60
C GLU D 103 11.84 -13.60 -2.59
N PHE D 104 11.28 -14.35 -1.63
CA PHE D 104 11.51 -15.79 -1.53
C PHE D 104 10.93 -16.51 -2.74
N LYS D 105 9.84 -15.98 -3.29
CA LYS D 105 9.20 -16.70 -4.37
C LYS D 105 9.99 -16.55 -5.66
N LEU D 106 10.49 -15.34 -5.91
CA LEU D 106 11.29 -15.01 -7.08
C LEU D 106 12.66 -15.70 -7.05
N GLU D 107 13.15 -15.92 -5.84
CA GLU D 107 14.47 -16.47 -5.65
C GLU D 107 14.39 -17.99 -5.75
N LEU D 108 13.28 -18.53 -5.29
CA LEU D 108 12.98 -19.96 -5.40
C LEU D 108 12.86 -20.37 -6.88
N ASP D 109 12.86 -19.39 -7.77
CA ASP D 109 12.80 -19.68 -9.20
C ASP D 109 14.18 -19.54 -9.88
N ASP D 110 14.89 -18.43 -9.67
CA ASP D 110 16.27 -18.35 -10.17
C ASP D 110 17.17 -19.48 -9.59
N VAL D 111 16.65 -20.21 -8.60
CA VAL D 111 17.42 -21.27 -7.96
C VAL D 111 16.88 -22.65 -8.32
N THR D 112 15.58 -22.79 -8.54
CA THR D 112 15.09 -24.03 -9.13
C THR D 112 15.71 -24.23 -10.52
N SER D 113 15.46 -23.24 -11.39
CA SER D 113 16.06 -23.14 -12.72
C SER D 113 17.58 -23.35 -12.90
N ASN D 114 18.37 -22.57 -12.17
CA ASN D 114 19.85 -22.65 -12.19
C ASN D 114 20.29 -24.03 -11.64
N MET D 115 19.47 -24.65 -10.81
CA MET D 115 19.84 -25.94 -10.23
C MET D 115 19.45 -27.16 -11.08
N GLU D 116 18.35 -27.10 -11.82
CA GLU D 116 18.05 -28.17 -12.76
C GLU D 116 19.01 -28.13 -13.94
N GLN D 117 19.85 -27.12 -14.02
CA GLN D 117 20.83 -27.05 -15.09
C GLN D 117 22.13 -27.64 -14.66
N ILE D 118 22.44 -27.55 -13.39
CA ILE D 118 23.71 -28.03 -12.93
C ILE D 118 23.61 -29.50 -12.71
N GLU D 119 22.44 -29.98 -12.37
CA GLU D 119 22.24 -31.38 -12.20
C GLU D 119 22.26 -32.05 -13.55
N LYS D 120 21.78 -31.39 -14.58
CA LYS D 120 21.96 -31.86 -15.93
C LYS D 120 23.43 -31.90 -16.15
N GLU D 121 24.05 -30.76 -15.98
CA GLU D 121 25.46 -30.64 -16.27
C GLU D 121 26.23 -31.69 -15.56
N ARG D 122 25.71 -32.25 -14.50
CA ARG D 122 26.51 -33.13 -13.66
C ARG D 122 26.28 -34.47 -14.18
N ASP D 123 25.05 -34.75 -14.45
CA ASP D 123 24.70 -36.07 -14.95
C ASP D 123 25.45 -36.35 -16.25
N PHE D 124 25.66 -35.27 -16.99
CA PHE D 124 26.41 -35.33 -18.23
C PHE D 124 27.86 -35.78 -17.92
N TYR D 125 28.45 -35.15 -16.90
CA TYR D 125 29.84 -35.39 -16.54
C TYR D 125 30.02 -36.77 -15.92
N PHE D 126 28.98 -37.19 -15.20
CA PHE D 126 28.99 -38.48 -14.57
C PHE D 126 28.95 -39.61 -15.60
N GLY D 127 28.13 -39.42 -16.64
CA GLY D 127 27.91 -40.46 -17.64
C GLY D 127 29.20 -40.74 -18.38
N LYS D 128 29.87 -39.65 -18.76
CA LYS D 128 31.23 -39.68 -19.29
C LYS D 128 32.15 -40.49 -18.37
N LEU D 129 32.05 -40.29 -17.05
CA LEU D 129 32.90 -41.06 -16.13
C LEU D 129 32.50 -42.54 -16.11
N ARG D 130 31.20 -42.86 -16.11
CA ARG D 130 30.79 -44.26 -16.11
C ARG D 130 31.16 -44.96 -17.41
N ASN D 131 31.22 -44.19 -18.48
CA ASN D 131 31.50 -44.74 -19.77
C ASN D 131 33.00 -45.07 -19.88
N ILE D 132 33.83 -44.07 -19.63
CA ILE D 132 35.28 -44.25 -19.53
C ILE D 132 35.69 -45.41 -18.59
N GLU D 133 34.95 -45.60 -17.50
CA GLU D 133 35.29 -46.71 -16.63
C GLU D 133 35.13 -48.02 -17.36
N LEU D 134 34.06 -48.15 -18.13
CA LEU D 134 33.81 -49.41 -18.83
C LEU D 134 34.85 -49.67 -19.94
N ILE D 135 35.24 -48.63 -20.67
CA ILE D 135 36.36 -48.75 -21.62
C ILE D 135 37.58 -49.37 -20.93
N CYS D 136 37.79 -48.99 -19.68
CA CYS D 136 38.93 -49.42 -18.91
C CYS D 136 38.80 -50.86 -18.46
N GLN D 137 37.58 -51.25 -18.07
CA GLN D 137 37.31 -52.61 -17.63
C GLN D 137 37.39 -53.60 -18.79
N GLU D 138 37.22 -53.11 -20.02
CA GLU D 138 37.41 -53.95 -21.21
C GLU D 138 38.87 -54.31 -21.42
N ASN D 139 39.77 -53.44 -20.96
CA ASN D 139 41.21 -53.66 -21.13
C ASN D 139 41.94 -53.84 -19.80
N GLU D 140 41.27 -54.51 -18.87
CA GLU D 140 41.87 -54.91 -17.60
C GLU D 140 42.84 -56.07 -17.81
N GLY D 141 42.53 -56.93 -18.77
CA GLY D 141 43.32 -58.12 -19.04
C GLY D 141 44.63 -57.76 -19.72
N GLU D 142 44.70 -56.55 -20.23
CA GLU D 142 45.93 -56.06 -20.82
C GLU D 142 46.86 -55.52 -19.75
N ASN D 143 46.31 -55.19 -18.58
CA ASN D 143 47.03 -54.58 -17.44
C ASN D 143 47.94 -53.42 -17.87
N ASP D 144 47.31 -52.40 -18.48
CA ASP D 144 47.99 -51.21 -19.01
C ASP D 144 48.07 -50.16 -17.92
N PRO D 145 49.29 -49.69 -17.59
CA PRO D 145 49.46 -48.73 -16.51
C PRO D 145 48.75 -47.40 -16.78
N VAL D 146 48.72 -46.97 -18.03
CA VAL D 146 47.99 -45.75 -18.39
C VAL D 146 46.53 -45.87 -18.00
N LEU D 147 45.92 -47.01 -18.31
CA LEU D 147 44.52 -47.21 -18.01
C LEU D 147 44.32 -47.47 -16.53
N GLN D 148 45.39 -47.86 -15.85
CA GLN D 148 45.27 -48.07 -14.41
C GLN D 148 45.24 -46.72 -13.70
N ARG D 149 46.02 -45.76 -14.21
CA ARG D 149 46.01 -44.42 -13.65
C ARG D 149 44.60 -43.88 -13.68
N ILE D 150 44.02 -43.93 -14.88
CA ILE D 150 42.71 -43.37 -15.17
C ILE D 150 41.61 -43.95 -14.25
N VAL D 151 41.62 -45.27 -14.12
CA VAL D 151 40.70 -45.97 -13.24
C VAL D 151 40.98 -45.56 -11.79
N ASP D 152 42.24 -45.27 -11.48
CA ASP D 152 42.59 -44.93 -10.11
C ASP D 152 42.08 -43.53 -9.83
N ILE D 153 42.13 -42.66 -10.84
CA ILE D 153 41.52 -41.33 -10.78
C ILE D 153 40.05 -41.40 -10.42
N LEU D 154 39.35 -42.25 -11.16
CA LEU D 154 37.92 -42.46 -11.01
C LEU D 154 37.53 -42.77 -9.56
N TYR D 155 38.48 -43.08 -8.70
CA TYR D 155 38.19 -43.43 -7.30
C TYR D 155 39.08 -42.74 -6.26
#